data_5FOX
#
_entry.id   5FOX
#
_cell.length_a   46.841
_cell.length_b   117.623
_cell.length_c   40.248
_cell.angle_alpha   90.00
_cell.angle_beta   90.00
_cell.angle_gamma   90.00
#
_symmetry.space_group_name_H-M   'P 21 21 2'
#
loop_
_entity.id
_entity.type
_entity.pdbx_description
1 polymer 'DNA REPAIR AND RECOMBINATION PROTEIN RADA'
2 polymer 'FHAA PEPTIDE'
3 non-polymer 'PHOSPHATE ION'
4 non-polymer GLYCEROL
5 water water
#
loop_
_entity_poly.entity_id
_entity_poly.type
_entity_poly.pdbx_seq_one_letter_code
_entity_poly.pdbx_strand_id
1 'polypeptide(L)'
;MATIGRISTGSKSLDKLLGGGIETQAITEVFGEFGSGKTQLAHTLAVMVQLPPEEGGLNGSVMWIDTENTFRPERIREIA
QNRGLDPDEVLKHIAYARAFNSNHQMLLVQQAEDMIKELLNTDRPVKLLIVDSLTSHFRSEYIGRGALAERQQKLAKHLA
DLHRLANLYDIAVFVTNQVQANGGHILAHSATLRVYLRKGKGGKRIARLIDAPHLPEGEAVFSITEKGIED
;
A
2 'polypeptide(L)' (ACE)FHAA(NH2) C
#
loop_
_chem_comp.id
_chem_comp.type
_chem_comp.name
_chem_comp.formula
ACE non-polymer 'ACETYL GROUP' 'C2 H4 O'
GOL non-polymer GLYCEROL 'C3 H8 O3'
NH2 non-polymer 'AMINO GROUP' 'H2 N'
PO4 non-polymer 'PHOSPHATE ION' 'O4 P -3'
#
# COMPACT_ATOMS: atom_id res chain seq x y z
N ALA A 2 3.27 -18.78 7.67
CA ALA A 2 3.87 -18.53 6.37
C ALA A 2 5.10 -17.65 6.51
N THR A 3 6.10 -17.91 5.67
N THR A 3 6.10 -17.91 5.67
CA THR A 3 7.29 -17.07 5.61
CA THR A 3 7.28 -17.05 5.63
C THR A 3 6.88 -15.69 5.08
C THR A 3 6.85 -15.68 5.13
N ILE A 4 7.64 -14.67 5.44
CA ILE A 4 7.38 -13.32 4.94
C ILE A 4 7.78 -13.24 3.48
N GLY A 5 6.88 -12.71 2.65
CA GLY A 5 7.20 -12.46 1.25
C GLY A 5 7.53 -11.00 1.09
N ARG A 6 8.25 -10.65 0.03
N ARG A 6 8.29 -10.67 0.06
CA ARG A 6 8.65 -9.26 -0.22
CA ARG A 6 8.58 -9.28 -0.24
C ARG A 6 8.43 -8.80 -1.65
C ARG A 6 8.13 -8.92 -1.63
N ILE A 7 7.74 -7.66 -1.78
CA ILE A 7 7.39 -7.11 -3.08
C ILE A 7 8.38 -5.99 -3.38
N SER A 8 9.12 -6.13 -4.47
CA SER A 8 10.02 -5.08 -4.90
C SER A 8 9.24 -3.82 -5.26
N THR A 9 9.84 -2.68 -4.93
CA THR A 9 9.27 -1.39 -5.27
C THR A 9 9.65 -0.93 -6.68
N GLY A 10 10.60 -1.63 -7.32
CA GLY A 10 11.14 -1.18 -8.59
C GLY A 10 12.43 -0.37 -8.47
N SER A 11 12.74 0.10 -7.26
CA SER A 11 13.99 0.81 -6.98
C SER A 11 14.90 -0.07 -6.14
N LYS A 12 16.13 -0.28 -6.59
CA LYS A 12 17.06 -1.08 -5.80
C LYS A 12 17.44 -0.36 -4.52
N SER A 13 17.55 0.96 -4.59
CA SER A 13 17.82 1.77 -3.43
C SER A 13 16.71 1.64 -2.39
N LEU A 14 15.46 1.84 -2.81
CA LEU A 14 14.34 1.73 -1.88
C LEU A 14 14.20 0.30 -1.35
N ASP A 15 14.40 -0.69 -2.22
CA ASP A 15 14.36 -2.08 -1.79
C ASP A 15 15.41 -2.37 -0.72
N LYS A 16 16.62 -1.86 -0.88
N LYS A 16 16.62 -1.85 -0.89
CA LYS A 16 17.66 -2.10 0.12
CA LYS A 16 17.67 -2.06 0.09
C LYS A 16 17.25 -1.48 1.45
C LYS A 16 17.25 -1.48 1.43
N LEU A 17 16.72 -0.27 1.41
CA LEU A 17 16.28 0.41 2.60
C LEU A 17 15.24 -0.45 3.32
N LEU A 18 14.39 -1.13 2.54
CA LEU A 18 13.29 -1.93 3.09
C LEU A 18 13.67 -3.39 3.38
N GLY A 19 14.93 -3.76 3.12
CA GLY A 19 15.35 -5.12 3.35
C GLY A 19 14.89 -6.10 2.29
N GLY A 20 14.58 -5.59 1.10
CA GLY A 20 14.21 -6.42 -0.03
C GLY A 20 12.92 -6.01 -0.72
N GLY A 21 12.12 -5.21 -0.03
CA GLY A 21 10.82 -4.82 -0.55
C GLY A 21 9.82 -4.71 0.57
N ILE A 22 8.57 -4.36 0.26
CA ILE A 22 7.57 -4.33 1.32
C ILE A 22 7.15 -5.74 1.68
N GLU A 23 6.86 -5.93 2.95
CA GLU A 23 6.62 -7.26 3.49
C GLU A 23 5.15 -7.63 3.51
N THR A 24 4.86 -8.90 3.24
CA THR A 24 3.57 -9.48 3.62
C THR A 24 3.53 -9.63 5.14
N GLN A 25 2.33 -9.82 5.68
CA GLN A 25 2.12 -9.89 7.13
C GLN A 25 2.64 -8.63 7.80
N ALA A 26 2.43 -7.50 7.13
CA ALA A 26 2.87 -6.21 7.63
C ALA A 26 2.01 -5.10 7.02
N ILE A 27 1.88 -4.01 7.77
CA ILE A 27 1.40 -2.75 7.22
C ILE A 27 2.62 -1.86 7.01
N THR A 28 2.82 -1.43 5.77
CA THR A 28 3.82 -0.41 5.47
C THR A 28 3.07 0.89 5.21
N GLU A 29 3.42 1.91 5.97
CA GLU A 29 2.79 3.22 5.85
C GLU A 29 3.81 4.17 5.25
N VAL A 30 3.45 4.80 4.14
N VAL A 30 3.44 4.82 4.16
CA VAL A 30 4.29 5.86 3.58
CA VAL A 30 4.28 5.85 3.57
C VAL A 30 3.59 7.17 3.90
C VAL A 30 3.61 7.20 3.82
N PHE A 31 4.36 8.14 4.37
CA PHE A 31 3.80 9.45 4.67
C PHE A 31 4.70 10.55 4.13
N GLY A 32 4.09 11.68 3.79
CA GLY A 32 4.80 12.78 3.19
C GLY A 32 3.83 13.79 2.66
N GLU A 33 4.35 14.92 2.24
CA GLU A 33 3.52 16.01 1.73
C GLU A 33 2.92 15.67 0.36
N PHE A 34 1.96 16.46 -0.08
CA PHE A 34 1.44 16.34 -1.45
C PHE A 34 2.60 16.34 -2.42
N GLY A 35 2.52 15.47 -3.42
CA GLY A 35 3.51 15.45 -4.48
C GLY A 35 4.75 14.65 -4.17
N SER A 36 4.79 13.98 -3.02
N SER A 36 4.78 14.02 -3.00
CA SER A 36 5.99 13.27 -2.61
CA SER A 36 5.96 13.26 -2.61
C SER A 36 6.12 11.88 -3.25
C SER A 36 6.17 12.04 -3.48
N GLY A 37 5.06 11.43 -3.93
CA GLY A 37 5.12 10.18 -4.68
C GLY A 37 4.43 8.99 -4.03
N LYS A 38 3.63 9.23 -3.00
CA LYS A 38 2.98 8.13 -2.28
C LYS A 38 2.06 7.32 -3.18
N THR A 39 1.23 8.02 -3.93
CA THR A 39 0.30 7.36 -4.84
C THR A 39 1.05 6.68 -6.01
N GLN A 40 2.16 7.27 -6.45
N GLN A 40 2.16 7.27 -6.45
CA GLN A 40 2.97 6.64 -7.49
CA GLN A 40 2.97 6.63 -7.49
C GLN A 40 3.53 5.31 -7.01
C GLN A 40 3.59 5.31 -7.03
N LEU A 41 4.02 5.27 -5.77
CA LEU A 41 4.52 4.04 -5.20
C LEU A 41 3.40 2.99 -5.10
N ALA A 42 2.20 3.40 -4.73
CA ALA A 42 1.06 2.49 -4.70
C ALA A 42 0.79 1.88 -6.08
N HIS A 43 0.74 2.72 -7.11
CA HIS A 43 0.51 2.24 -8.47
C HIS A 43 1.60 1.26 -8.89
N THR A 44 2.84 1.58 -8.55
CA THR A 44 3.98 0.74 -8.91
C THR A 44 3.87 -0.62 -8.23
N LEU A 45 3.58 -0.64 -6.94
CA LEU A 45 3.45 -1.89 -6.20
C LEU A 45 2.31 -2.78 -6.73
N ALA A 46 1.23 -2.14 -7.18
CA ALA A 46 0.08 -2.87 -7.70
C ALA A 46 0.45 -3.63 -8.97
N VAL A 47 1.48 -3.16 -9.67
CA VAL A 47 2.02 -3.89 -10.81
C VAL A 47 3.11 -4.88 -10.36
N MET A 48 4.08 -4.42 -9.57
CA MET A 48 5.20 -5.28 -9.17
C MET A 48 4.76 -6.58 -8.51
N VAL A 49 3.73 -6.54 -7.69
CA VAL A 49 3.32 -7.74 -6.95
C VAL A 49 2.85 -8.85 -7.89
N GLN A 50 2.45 -8.48 -9.10
CA GLN A 50 1.93 -9.44 -10.07
C GLN A 50 3.04 -10.16 -10.83
N LEU A 51 4.26 -9.65 -10.73
CA LEU A 51 5.43 -10.32 -11.32
C LEU A 51 5.74 -11.61 -10.60
N PRO A 52 6.45 -12.54 -11.26
CA PRO A 52 6.89 -13.73 -10.55
C PRO A 52 8.01 -13.38 -9.56
N PRO A 53 8.29 -14.26 -8.61
CA PRO A 53 9.29 -13.93 -7.57
C PRO A 53 10.68 -13.59 -8.10
N GLU A 54 11.08 -14.20 -9.21
N GLU A 54 11.08 -14.20 -9.21
CA GLU A 54 12.40 -13.94 -9.78
CA GLU A 54 12.39 -13.94 -9.80
C GLU A 54 12.51 -12.52 -10.35
C GLU A 54 12.51 -12.50 -10.28
N GLU A 55 11.38 -11.82 -10.44
CA GLU A 55 11.36 -10.44 -10.89
C GLU A 55 10.85 -9.52 -9.78
N GLY A 56 10.74 -10.05 -8.57
CA GLY A 56 10.43 -9.22 -7.41
C GLY A 56 8.98 -9.16 -7.00
N GLY A 57 8.14 -10.01 -7.60
CA GLY A 57 6.73 -10.06 -7.25
C GLY A 57 6.37 -11.32 -6.50
N LEU A 58 5.06 -11.53 -6.33
CA LEU A 58 4.55 -12.68 -5.61
C LEU A 58 3.45 -13.37 -6.40
N ASN A 59 3.41 -13.14 -7.71
CA ASN A 59 2.34 -13.67 -8.56
C ASN A 59 0.97 -13.42 -7.94
N GLY A 60 0.80 -12.22 -7.40
CA GLY A 60 -0.36 -11.95 -6.58
C GLY A 60 -1.40 -11.07 -7.22
N SER A 61 -2.58 -11.08 -6.60
N SER A 61 -2.58 -11.04 -6.62
CA SER A 61 -3.68 -10.17 -6.92
CA SER A 61 -3.57 -10.06 -7.04
C SER A 61 -3.64 -8.97 -5.97
C SER A 61 -3.64 -8.97 -5.99
N VAL A 62 -4.38 -7.92 -6.32
CA VAL A 62 -4.39 -6.68 -5.57
C VAL A 62 -5.80 -6.29 -5.21
N MET A 63 -5.97 -5.68 -4.04
CA MET A 63 -7.20 -4.95 -3.72
C MET A 63 -6.81 -3.54 -3.34
N TRP A 64 -7.61 -2.58 -3.79
CA TRP A 64 -7.28 -1.17 -3.68
C TRP A 64 -8.50 -0.40 -3.22
N ILE A 65 -8.37 0.23 -2.05
CA ILE A 65 -9.36 1.14 -1.49
C ILE A 65 -8.87 2.56 -1.67
N ASP A 66 -9.62 3.32 -2.46
CA ASP A 66 -9.22 4.65 -2.91
C ASP A 66 -10.14 5.66 -2.25
N THR A 67 -9.58 6.54 -1.44
CA THR A 67 -10.39 7.52 -0.72
C THR A 67 -10.33 8.93 -1.31
N GLU A 68 -9.45 9.17 -2.29
CA GLU A 68 -9.26 10.52 -2.85
C GLU A 68 -9.47 10.58 -4.37
N ASN A 69 -9.95 9.48 -4.96
CA ASN A 69 -10.11 9.40 -6.41
C ASN A 69 -8.79 9.53 -7.17
N THR A 70 -7.73 8.95 -6.61
CA THR A 70 -6.39 9.05 -7.18
C THR A 70 -5.91 7.79 -7.91
N PHE A 71 -6.70 6.73 -7.93
CA PHE A 71 -6.34 5.55 -8.73
C PHE A 71 -6.52 5.87 -10.22
N ARG A 72 -5.51 5.55 -11.02
CA ARG A 72 -5.53 5.84 -12.45
C ARG A 72 -5.23 4.58 -13.25
N PRO A 73 -6.26 3.96 -13.84
CA PRO A 73 -6.02 2.77 -14.66
C PRO A 73 -5.00 3.02 -15.77
N GLU A 74 -4.99 4.22 -16.35
CA GLU A 74 -4.02 4.57 -17.39
C GLU A 74 -2.58 4.39 -16.91
N ARG A 75 -2.33 4.79 -15.66
CA ARG A 75 -1.00 4.71 -15.08
C ARG A 75 -0.61 3.25 -14.83
N ILE A 76 -1.56 2.44 -14.37
CA ILE A 76 -1.33 1.01 -14.27
C ILE A 76 -0.96 0.42 -15.62
N ARG A 77 -1.70 0.75 -16.66
CA ARG A 77 -1.42 0.20 -17.98
C ARG A 77 -0.02 0.59 -18.48
N GLU A 78 0.39 1.83 -18.22
CA GLU A 78 1.71 2.31 -18.61
C GLU A 78 2.80 1.52 -17.88
N ILE A 79 2.68 1.39 -16.57
CA ILE A 79 3.71 0.71 -15.79
C ILE A 79 3.76 -0.76 -16.19
N ALA A 80 2.59 -1.38 -16.35
CA ALA A 80 2.54 -2.78 -16.72
C ALA A 80 3.27 -3.08 -18.02
N GLN A 81 2.96 -2.34 -19.08
CA GLN A 81 3.61 -2.66 -20.34
C GLN A 81 5.11 -2.39 -20.32
N ASN A 82 5.55 -1.42 -19.53
CA ASN A 82 6.97 -1.12 -19.41
C ASN A 82 7.71 -2.04 -18.44
N ARG A 83 6.98 -2.97 -17.84
CA ARG A 83 7.60 -3.99 -16.99
C ARG A 83 7.32 -5.39 -17.52
N GLY A 84 6.91 -5.46 -18.78
CA GLY A 84 6.81 -6.73 -19.48
C GLY A 84 5.54 -7.51 -19.20
N LEU A 85 4.54 -6.87 -18.63
CA LEU A 85 3.27 -7.53 -18.37
C LEU A 85 2.20 -7.06 -19.35
N ASP A 86 1.13 -7.82 -19.44
CA ASP A 86 -0.03 -7.47 -20.25
C ASP A 86 -0.90 -6.54 -19.41
N PRO A 87 -1.08 -5.27 -19.84
CA PRO A 87 -1.92 -4.35 -19.06
C PRO A 87 -3.33 -4.87 -18.80
N ASP A 88 -3.91 -5.61 -19.75
CA ASP A 88 -5.26 -6.15 -19.57
C ASP A 88 -5.29 -7.08 -18.36
N GLU A 89 -4.29 -7.95 -18.26
CA GLU A 89 -4.21 -8.91 -17.17
C GLU A 89 -3.94 -8.20 -15.85
N VAL A 90 -3.04 -7.22 -15.87
CA VAL A 90 -2.70 -6.49 -14.65
C VAL A 90 -3.94 -5.79 -14.10
N LEU A 91 -4.70 -5.12 -14.95
CA LEU A 91 -5.94 -4.46 -14.50
C LEU A 91 -6.97 -5.47 -14.00
N LYS A 92 -7.05 -6.62 -14.66
CA LYS A 92 -8.01 -7.65 -14.28
C LYS A 92 -7.76 -8.16 -12.86
N HIS A 93 -6.49 -8.11 -12.42
CA HIS A 93 -6.10 -8.62 -11.11
C HIS A 93 -5.95 -7.54 -10.04
N ILE A 94 -6.53 -6.37 -10.29
CA ILE A 94 -6.69 -5.34 -9.28
C ILE A 94 -8.17 -5.15 -9.05
N ALA A 95 -8.62 -5.46 -7.84
CA ALA A 95 -9.99 -5.23 -7.42
C ALA A 95 -10.04 -3.87 -6.76
N TYR A 96 -10.89 -2.99 -7.27
CA TYR A 96 -10.89 -1.59 -6.91
C TYR A 96 -12.21 -1.16 -6.28
N ALA A 97 -12.14 -0.33 -5.25
CA ALA A 97 -13.32 0.30 -4.66
C ALA A 97 -13.00 1.69 -4.18
N ARG A 98 -13.91 2.63 -4.45
CA ARG A 98 -13.84 3.96 -3.90
C ARG A 98 -14.54 3.98 -2.55
N ALA A 99 -13.88 4.55 -1.55
CA ALA A 99 -14.47 4.73 -0.23
C ALA A 99 -15.02 6.13 -0.13
N PHE A 100 -16.32 6.17 0.15
N PHE A 100 -16.30 6.30 0.11
CA PHE A 100 -17.17 7.36 0.17
CA PHE A 100 -16.85 7.65 0.06
C PHE A 100 -16.85 8.27 1.36
C PHE A 100 -16.93 8.36 1.41
N ASN A 101 -16.64 7.65 2.50
CA ASN A 101 -16.41 8.31 3.79
C ASN A 101 -15.65 7.33 4.69
N SER A 102 -15.32 7.73 5.90
N SER A 102 -15.32 7.76 5.91
CA SER A 102 -14.50 6.90 6.76
CA SER A 102 -14.54 6.94 6.85
C SER A 102 -15.23 5.62 7.20
C SER A 102 -15.23 5.63 7.17
N ASN A 103 -16.53 5.71 7.40
CA ASN A 103 -17.30 4.55 7.82
C ASN A 103 -17.41 3.51 6.71
N HIS A 104 -17.57 3.99 5.48
CA HIS A 104 -17.57 3.13 4.32
C HIS A 104 -16.20 2.52 4.08
N GLN A 105 -15.16 3.32 4.24
CA GLN A 105 -13.79 2.82 4.17
C GLN A 105 -13.60 1.65 5.12
N MET A 106 -14.15 1.77 6.32
N MET A 106 -14.14 1.78 6.34
CA MET A 106 -14.00 0.70 7.31
CA MET A 106 -14.01 0.72 7.32
C MET A 106 -14.74 -0.56 6.88
C MET A 106 -14.75 -0.55 6.90
N LEU A 107 -15.96 -0.38 6.39
CA LEU A 107 -16.74 -1.52 5.92
C LEU A 107 -16.08 -2.21 4.74
N LEU A 108 -15.43 -1.42 3.88
CA LEU A 108 -14.76 -2.01 2.72
C LEU A 108 -13.67 -3.01 3.09
N VAL A 109 -13.06 -2.89 4.26
CA VAL A 109 -12.09 -3.86 4.72
C VAL A 109 -12.74 -5.22 4.97
N GLN A 110 -13.96 -5.21 5.49
CA GLN A 110 -14.70 -6.45 5.67
C GLN A 110 -15.13 -7.03 4.34
N GLN A 111 -15.57 -6.15 3.43
CA GLN A 111 -15.91 -6.58 2.09
C GLN A 111 -14.69 -7.23 1.43
N ALA A 112 -13.52 -6.62 1.63
CA ALA A 112 -12.31 -7.12 1.02
C ALA A 112 -12.01 -8.55 1.44
N GLU A 113 -12.31 -8.87 2.69
CA GLU A 113 -12.01 -10.19 3.22
C GLU A 113 -12.74 -11.30 2.45
N ASP A 114 -13.94 -11.01 1.96
CA ASP A 114 -14.68 -11.97 1.16
C ASP A 114 -13.89 -12.40 -0.07
N MET A 115 -13.31 -11.43 -0.77
N MET A 115 -13.30 -11.44 -0.76
N MET A 115 -13.33 -11.43 -0.78
CA MET A 115 -12.55 -11.73 -1.98
CA MET A 115 -12.56 -11.75 -1.98
CA MET A 115 -12.55 -11.73 -1.97
C MET A 115 -11.22 -12.36 -1.64
C MET A 115 -11.17 -12.29 -1.69
C MET A 115 -11.24 -12.40 -1.61
N ILE A 116 -10.61 -11.91 -0.55
CA ILE A 116 -9.36 -12.51 -0.08
C ILE A 116 -9.58 -14.01 0.17
N LYS A 117 -10.68 -14.36 0.80
CA LYS A 117 -10.99 -15.77 1.07
C LYS A 117 -11.23 -16.52 -0.24
N GLU A 118 -11.95 -15.89 -1.17
N GLU A 118 -11.93 -15.88 -1.18
CA GLU A 118 -12.23 -16.51 -2.47
CA GLU A 118 -12.24 -16.51 -2.46
C GLU A 118 -10.94 -16.90 -3.16
C GLU A 118 -11.00 -16.82 -3.29
N LEU A 119 -9.97 -16.00 -3.15
CA LEU A 119 -8.75 -16.18 -3.94
C LEU A 119 -7.64 -16.88 -3.18
N LEU A 120 -7.86 -17.15 -1.90
CA LEU A 120 -6.78 -17.61 -1.02
C LEU A 120 -6.02 -18.82 -1.53
N ASN A 121 -6.75 -19.84 -1.98
CA ASN A 121 -6.10 -21.05 -2.45
C ASN A 121 -6.18 -21.19 -3.97
N THR A 122 -6.02 -20.07 -4.66
CA THR A 122 -5.95 -20.06 -6.12
C THR A 122 -4.53 -19.72 -6.56
N ASP A 123 -4.31 -19.68 -7.87
CA ASP A 123 -2.99 -19.39 -8.40
C ASP A 123 -2.60 -17.91 -8.24
N ARG A 124 -3.59 -17.05 -7.97
CA ARG A 124 -3.36 -15.62 -7.84
C ARG A 124 -4.01 -15.07 -6.56
N PRO A 125 -3.54 -15.52 -5.40
CA PRO A 125 -4.13 -15.00 -4.16
C PRO A 125 -3.88 -13.52 -4.00
N VAL A 126 -4.69 -12.85 -3.20
CA VAL A 126 -4.42 -11.46 -2.88
C VAL A 126 -3.12 -11.37 -2.10
N LYS A 127 -2.20 -10.56 -2.59
CA LYS A 127 -0.93 -10.36 -1.90
C LYS A 127 -0.67 -8.92 -1.52
N LEU A 128 -1.51 -8.00 -2.01
CA LEU A 128 -1.35 -6.58 -1.76
C LEU A 128 -2.70 -5.95 -1.56
N LEU A 129 -2.86 -5.25 -0.45
CA LEU A 129 -4.06 -4.44 -0.15
C LEU A 129 -3.60 -3.01 0.08
N ILE A 130 -4.06 -2.10 -0.78
CA ILE A 130 -3.71 -0.69 -0.72
C ILE A 130 -4.87 0.11 -0.11
N VAL A 131 -4.53 1.01 0.80
CA VAL A 131 -5.49 2.01 1.28
C VAL A 131 -4.83 3.37 1.11
N ASP A 132 -5.35 4.14 0.18
CA ASP A 132 -4.78 5.41 -0.22
C ASP A 132 -5.95 6.39 -0.38
N SER A 133 -6.15 7.37 0.51
CA SER A 133 -5.37 7.69 1.70
C SER A 133 -5.98 7.03 2.93
N LEU A 134 -5.15 6.51 3.82
CA LEU A 134 -5.65 5.90 5.04
C LEU A 134 -6.43 6.91 5.88
N THR A 135 -5.94 8.13 5.96
CA THR A 135 -6.39 9.08 6.98
C THR A 135 -7.23 10.24 6.47
N SER A 136 -7.28 10.47 5.16
CA SER A 136 -7.92 11.69 4.65
C SER A 136 -9.37 11.83 5.11
N HIS A 137 -10.16 10.77 5.03
CA HIS A 137 -11.56 10.89 5.47
C HIS A 137 -11.67 11.11 6.98
N PHE A 138 -10.83 10.44 7.75
CA PHE A 138 -10.87 10.56 9.21
C PHE A 138 -10.53 11.98 9.64
N ARG A 139 -9.54 12.57 9.01
CA ARG A 139 -9.14 13.94 9.35
C ARG A 139 -10.17 14.97 8.93
N SER A 140 -10.87 14.71 7.81
CA SER A 140 -11.89 15.62 7.32
C SER A 140 -13.16 15.57 8.16
N GLU A 141 -13.52 14.37 8.61
CA GLU A 141 -14.80 14.15 9.28
C GLU A 141 -14.81 14.35 10.79
N TYR A 142 -13.66 14.15 11.43
CA TYR A 142 -13.58 14.12 12.90
C TYR A 142 -12.50 15.07 13.41
N ILE A 143 -12.85 15.92 14.38
CA ILE A 143 -11.97 17.02 14.80
C ILE A 143 -11.08 16.75 16.02
N GLY A 144 -11.50 15.83 16.88
CA GLY A 144 -10.86 15.64 18.18
C GLY A 144 -9.64 14.73 18.23
N ARG A 145 -8.70 15.05 19.13
CA ARG A 145 -7.41 14.37 19.20
C ARG A 145 -7.24 13.25 20.24
N GLY A 146 -8.09 13.20 21.25
CA GLY A 146 -7.90 12.25 22.35
C GLY A 146 -8.11 10.78 22.02
N ALA A 147 -7.59 9.89 22.86
CA ALA A 147 -7.81 8.46 22.71
C ALA A 147 -9.29 8.07 22.76
N LEU A 148 -10.09 8.85 23.50
CA LEU A 148 -11.50 8.56 23.64
C LEU A 148 -12.36 9.13 22.53
N ALA A 149 -11.77 10.01 21.71
CA ALA A 149 -12.48 10.67 20.62
C ALA A 149 -12.71 9.72 19.46
N GLU A 150 -13.76 10.01 18.71
CA GLU A 150 -14.21 9.16 17.63
C GLU A 150 -13.14 8.91 16.56
N ARG A 151 -12.37 9.94 16.21
CA ARG A 151 -11.33 9.77 15.19
C ARG A 151 -10.35 8.66 15.57
N GLN A 152 -9.86 8.70 16.80
CA GLN A 152 -8.88 7.72 17.24
C GLN A 152 -9.50 6.34 17.44
N GLN A 153 -10.70 6.29 18.02
CA GLN A 153 -11.36 5.01 18.22
C GLN A 153 -11.57 4.31 16.88
N LYS A 154 -12.07 5.04 15.89
N LYS A 154 -12.06 5.05 15.90
CA LYS A 154 -12.39 4.43 14.60
CA LYS A 154 -12.34 4.47 14.58
C LYS A 154 -11.13 4.05 13.85
C LYS A 154 -11.05 4.11 13.83
N LEU A 155 -10.14 4.93 13.83
N LEU A 155 -10.09 5.03 13.80
CA LEU A 155 -8.92 4.63 13.10
CA LEU A 155 -8.81 4.73 13.16
C LEU A 155 -8.18 3.46 13.76
C LEU A 155 -8.19 3.47 13.75
N ALA A 156 -8.22 3.37 15.09
CA ALA A 156 -7.59 2.24 15.76
C ALA A 156 -8.22 0.91 15.36
N LYS A 157 -9.55 0.88 15.27
CA LYS A 157 -10.23 -0.31 14.82
C LYS A 157 -9.90 -0.63 13.37
N HIS A 158 -9.89 0.40 12.53
CA HIS A 158 -9.58 0.23 11.11
C HIS A 158 -8.19 -0.38 10.93
N LEU A 159 -7.21 0.16 11.64
N LEU A 159 -7.21 0.16 11.66
CA LEU A 159 -5.85 -0.38 11.55
CA LEU A 159 -5.84 -0.35 11.58
C LEU A 159 -5.78 -1.81 12.07
C LEU A 159 -5.70 -1.77 12.13
N ALA A 160 -6.45 -2.09 13.18
CA ALA A 160 -6.46 -3.44 13.71
C ALA A 160 -7.07 -4.41 12.69
N ASP A 161 -8.12 -3.98 11.99
CA ASP A 161 -8.74 -4.80 10.95
C ASP A 161 -7.73 -5.08 9.83
N LEU A 162 -6.98 -4.05 9.45
CA LEU A 162 -6.00 -4.20 8.37
C LEU A 162 -4.86 -5.12 8.79
N HIS A 163 -4.39 -4.95 10.03
N HIS A 163 -4.42 -4.96 10.03
CA HIS A 163 -3.39 -5.83 10.63
CA HIS A 163 -3.35 -5.79 10.54
C HIS A 163 -3.80 -7.27 10.57
C HIS A 163 -3.77 -7.26 10.64
N ARG A 164 -5.04 -7.50 10.99
CA ARG A 164 -5.59 -8.85 11.03
C ARG A 164 -5.52 -9.47 9.63
N LEU A 165 -5.94 -8.74 8.60
CA LEU A 165 -5.90 -9.30 7.25
C LEU A 165 -4.47 -9.59 6.81
N ALA A 166 -3.55 -8.68 7.13
CA ALA A 166 -2.16 -8.84 6.72
C ALA A 166 -1.60 -10.15 7.25
N ASN A 167 -1.82 -10.39 8.54
N ASN A 167 -1.84 -10.40 8.54
CA ASN A 167 -1.27 -11.56 9.20
CA ASN A 167 -1.23 -11.53 9.21
C ASN A 167 -1.99 -12.82 8.81
C ASN A 167 -1.98 -12.84 9.01
N LEU A 168 -3.31 -12.80 8.93
CA LEU A 168 -4.11 -13.98 8.76
C LEU A 168 -3.97 -14.55 7.35
N TYR A 169 -3.91 -13.68 6.34
CA TYR A 169 -3.96 -14.09 4.94
C TYR A 169 -2.66 -13.86 4.17
N ASP A 170 -1.60 -13.48 4.88
CA ASP A 170 -0.27 -13.33 4.26
C ASP A 170 -0.28 -12.28 3.13
N ILE A 171 -0.72 -11.08 3.48
CA ILE A 171 -0.90 -9.97 2.56
C ILE A 171 0.01 -8.82 2.99
N ALA A 172 0.61 -8.13 2.02
CA ALA A 172 1.23 -6.85 2.29
C ALA A 172 0.15 -5.77 2.25
N VAL A 173 -0.03 -5.06 3.36
CA VAL A 173 -0.91 -3.92 3.39
C VAL A 173 -0.06 -2.67 3.24
N PHE A 174 -0.43 -1.84 2.26
CA PHE A 174 0.30 -0.62 1.95
C PHE A 174 -0.65 0.56 2.10
N VAL A 175 -0.32 1.50 2.97
CA VAL A 175 -1.21 2.63 3.23
C VAL A 175 -0.45 3.94 3.11
N THR A 176 -1.17 4.99 2.75
CA THR A 176 -0.58 6.33 2.62
C THR A 176 -1.18 7.30 3.62
N ASN A 177 -0.40 8.30 3.97
CA ASN A 177 -0.80 9.30 4.97
C ASN A 177 -0.17 10.62 4.57
N GLN A 178 -0.98 11.66 4.41
CA GLN A 178 -0.44 12.95 4.01
C GLN A 178 -0.18 13.82 5.21
N VAL A 179 1.09 14.15 5.43
CA VAL A 179 1.50 15.16 6.41
C VAL A 179 1.39 16.54 5.76
N LEU A 187 -3.02 5.09 15.70
CA LEU A 187 -2.07 6.16 15.98
C LEU A 187 -0.77 5.96 15.18
N ALA A 188 0.18 6.84 15.43
CA ALA A 188 1.35 6.96 14.55
C ALA A 188 2.29 5.76 14.58
N HIS A 189 2.22 4.93 15.62
N HIS A 189 2.21 4.94 15.63
CA HIS A 189 3.14 3.80 15.75
CA HIS A 189 3.12 3.81 15.82
C HIS A 189 2.48 2.46 15.46
C HIS A 189 2.46 2.47 15.44
N SER A 190 1.32 2.50 14.82
N SER A 190 1.32 2.54 14.78
CA SER A 190 0.56 1.30 14.50
CA SER A 190 0.54 1.33 14.48
C SER A 190 1.15 0.49 13.34
C SER A 190 1.08 0.51 13.32
N ALA A 191 1.60 1.18 12.30
CA ALA A 191 2.16 0.50 11.12
C ALA A 191 3.37 -0.33 11.50
N THR A 192 3.54 -1.46 10.82
CA THR A 192 4.69 -2.31 11.05
C THR A 192 5.94 -1.51 10.69
N LEU A 193 5.78 -0.68 9.66
CA LEU A 193 6.90 0.09 9.18
C LEU A 193 6.44 1.42 8.61
N ARG A 194 7.07 2.50 9.06
N ARG A 194 7.06 2.51 9.08
CA ARG A 194 6.79 3.83 8.56
CA ARG A 194 6.78 3.84 8.58
C ARG A 194 7.93 4.32 7.69
C ARG A 194 7.92 4.36 7.71
N VAL A 195 7.56 4.84 6.53
CA VAL A 195 8.51 5.38 5.57
C VAL A 195 8.14 6.82 5.26
N TYR A 196 9.07 7.75 5.50
CA TYR A 196 8.86 9.15 5.19
C TYR A 196 9.39 9.42 3.79
N LEU A 197 8.54 10.01 2.95
N LEU A 197 8.51 9.94 2.93
CA LEU A 197 8.87 10.28 1.57
CA LEU A 197 8.88 10.31 1.57
C LEU A 197 8.80 11.78 1.31
C LEU A 197 8.88 11.81 1.42
N ARG A 198 9.81 12.32 0.62
CA ARG A 198 9.81 13.73 0.27
C ARG A 198 10.38 13.93 -1.13
N LYS A 199 9.98 15.02 -1.75
CA LYS A 199 10.47 15.34 -3.09
C LYS A 199 11.63 16.28 -2.89
N GLY A 200 12.80 15.88 -3.40
CA GLY A 200 14.00 16.69 -3.33
C GLY A 200 14.40 17.28 -4.68
N LYS A 201 15.70 17.54 -4.84
CA LYS A 201 16.23 18.19 -6.04
C LYS A 201 15.92 17.46 -7.33
N GLY A 202 15.59 18.21 -8.38
CA GLY A 202 15.46 17.67 -9.72
C GLY A 202 14.45 16.55 -9.88
N GLY A 203 13.40 16.57 -9.06
CA GLY A 203 12.35 15.58 -9.16
C GLY A 203 12.70 14.25 -8.52
N LYS A 204 13.87 14.18 -7.87
CA LYS A 204 14.22 12.99 -7.11
C LYS A 204 13.32 12.85 -5.90
N ARG A 205 13.01 11.62 -5.53
N ARG A 205 12.99 11.62 -5.54
CA ARG A 205 12.25 11.35 -4.32
CA ARG A 205 12.25 11.35 -4.32
C ARG A 205 13.18 10.66 -3.33
C ARG A 205 13.20 10.68 -3.33
N ILE A 206 13.06 11.04 -2.06
CA ILE A 206 13.95 10.54 -1.00
C ILE A 206 13.10 9.87 0.08
N ALA A 207 13.51 8.68 0.47
CA ALA A 207 12.79 7.89 1.47
C ALA A 207 13.68 7.61 2.68
N ARG A 208 13.09 7.70 3.87
CA ARG A 208 13.80 7.42 5.10
C ARG A 208 12.88 6.62 6.02
N LEU A 209 13.43 5.63 6.71
CA LEU A 209 12.63 4.88 7.67
C LEU A 209 12.51 5.67 8.95
N ILE A 210 11.31 5.67 9.53
CA ILE A 210 11.05 6.40 10.75
C ILE A 210 10.85 5.44 11.90
N ASP A 211 11.69 5.59 12.92
CA ASP A 211 11.62 4.81 14.14
C ASP A 211 11.83 3.32 13.85
N ALA A 212 12.91 3.03 13.14
CA ALA A 212 13.27 1.67 12.77
C ALA A 212 14.79 1.48 12.98
N PRO A 213 15.25 1.64 14.23
CA PRO A 213 16.66 1.79 14.62
C PRO A 213 17.61 0.73 14.04
N LEU A 215 16.59 -1.88 10.96
CA LEU A 215 16.71 -1.71 9.52
C LEU A 215 17.76 -0.65 9.19
N PRO A 216 18.16 -0.57 7.91
CA PRO A 216 19.28 0.29 7.53
C PRO A 216 19.06 1.76 7.82
N GLU A 217 20.07 2.37 8.44
CA GLU A 217 20.17 3.80 8.48
C GLU A 217 20.51 4.21 7.06
N GLY A 218 20.24 5.46 6.70
CA GLY A 218 20.48 5.95 5.36
C GLY A 218 19.19 6.30 4.69
N GLU A 219 19.29 6.82 3.48
CA GLU A 219 18.11 7.21 2.71
C GLU A 219 18.19 6.64 1.33
N ALA A 220 17.04 6.21 0.81
CA ALA A 220 16.94 5.78 -0.56
C ALA A 220 16.53 6.96 -1.44
N VAL A 221 16.97 6.92 -2.69
CA VAL A 221 16.61 7.96 -3.66
C VAL A 221 16.10 7.24 -4.89
N PHE A 222 15.02 7.75 -5.47
CA PHE A 222 14.50 7.17 -6.69
C PHE A 222 13.78 8.22 -7.51
N SER A 223 13.40 7.83 -8.73
CA SER A 223 12.70 8.69 -9.66
C SER A 223 11.36 8.09 -10.03
N ILE A 224 10.44 8.95 -10.45
CA ILE A 224 9.16 8.53 -10.99
C ILE A 224 9.32 8.51 -12.51
N THR A 225 9.05 7.36 -13.13
CA THR A 225 9.26 7.19 -14.56
C THR A 225 8.12 6.37 -15.18
N GLU A 226 8.27 6.06 -16.46
CA GLU A 226 7.26 5.25 -17.15
C GLU A 226 7.20 3.82 -16.62
N LYS A 227 8.21 3.42 -15.87
CA LYS A 227 8.20 2.09 -15.21
C LYS A 227 7.66 2.13 -13.79
N GLY A 228 7.10 3.27 -13.41
CA GLY A 228 6.59 3.46 -12.06
C GLY A 228 7.62 4.22 -11.26
N ILE A 229 8.46 3.49 -10.53
CA ILE A 229 9.66 4.09 -9.96
C ILE A 229 10.89 3.25 -10.34
N GLU A 230 12.03 3.92 -10.36
CA GLU A 230 13.29 3.32 -10.72
C GLU A 230 14.36 4.09 -10.01
N ASP A 231 15.55 3.50 -9.91
CA ASP A 231 16.71 4.24 -9.46
C ASP A 231 17.07 5.30 -10.47
C ACE B 1 -17.14 -2.91 -4.86
O ACE B 1 -16.96 -2.09 -5.76
CH3 ACE B 1 -18.37 -2.89 -4.00
H1 ACE B 1 -18.93 -3.82 -4.16
H2 ACE B 1 -18.08 -2.83 -2.95
H3 ACE B 1 -18.99 -2.03 -4.27
N PHE B 2 -16.25 -3.87 -4.60
CA PHE B 2 -15.04 -4.03 -5.41
C PHE B 2 -15.37 -4.54 -6.79
N HIS B 3 -14.66 -4.00 -7.78
CA HIS B 3 -14.77 -4.47 -9.17
C HIS B 3 -13.39 -4.51 -9.79
N ALA B 4 -13.20 -5.37 -10.77
CA ALA B 4 -11.95 -5.38 -11.51
C ALA B 4 -11.66 -3.98 -12.07
N ALA B 5 -10.38 -3.62 -12.09
CA ALA B 5 -9.97 -2.25 -12.43
C ALA B 5 -10.12 -1.92 -13.91
N NH2 B 6 -10.12 -2.95 -14.76
P PO4 C . 1.46 12.13 -3.35
O1 PO4 C . 2.31 12.33 -4.57
O2 PO4 C . 0.47 11.00 -3.47
O3 PO4 C . 2.40 11.83 -2.21
O4 PO4 C . 0.68 13.41 -3.06
C1 GOL D . -13.75 13.14 3.35
O1 GOL D . -12.82 14.18 3.12
C2 GOL D . -15.00 13.47 4.15
O2 GOL D . -15.98 12.49 3.92
C3 GOL D . -15.54 14.86 3.88
O3 GOL D . -15.70 15.42 5.16
H11 GOL D . -14.83 15.43 3.29
H12 GOL D . -16.50 14.80 3.36
HO1 GOL D . -15.98 16.36 5.07
H2 GOL D . -14.73 13.43 5.21
HO2 GOL D . -16.21 12.45 2.97
H31 GOL D . -13.24 12.33 3.86
H32 GOL D . -14.07 12.76 2.38
HO3 GOL D . -12.10 13.85 2.55
#